data_3NHZ
#
_entry.id   3NHZ
#
_cell.length_a   56.600
_cell.length_b   56.600
_cell.length_c   181.800
_cell.angle_alpha   90.00
_cell.angle_beta   90.00
_cell.angle_gamma   120.00
#
_symmetry.space_group_name_H-M   'P 31'
#
loop_
_entity.id
_entity.type
_entity.pdbx_description
1 polymer 'Two component system transcriptional regulator mtrA'
2 non-polymer 'MAGNESIUM ION'
3 water water
#
_entity_poly.entity_id   1
_entity_poly.type   'polypeptide(L)'
_entity_poly.pdbx_seq_one_letter_code
;MDTMRQRILVVDDDASLAEMLTIVLRGEGFDTAVIGDGTQALTAVRELRPDLVLLDLMLPGMNGIDVCRVLRADSGVPIV
MLTAKTDTVDVVLGLESGADDYIMKPFKPKELVARVRARLRRNDD
;
_entity_poly.pdbx_strand_id   A,B,C,D
#
# COMPACT_ATOMS: atom_id res chain seq x y z
N MET A 4 30.57 12.24 -5.08
CA MET A 4 30.12 11.93 -3.75
C MET A 4 29.71 10.47 -3.66
N ARG A 5 29.87 9.87 -2.48
CA ARG A 5 29.52 8.49 -2.24
C ARG A 5 28.03 8.31 -2.01
N GLN A 6 27.55 7.10 -2.20
CA GLN A 6 26.15 6.81 -2.00
C GLN A 6 25.76 6.83 -0.53
N ARG A 7 24.54 7.23 -0.24
CA ARG A 7 24.11 7.39 1.12
C ARG A 7 22.98 6.48 1.46
N ILE A 8 23.07 5.81 2.59
CA ILE A 8 22.02 4.92 3.03
C ILE A 8 21.47 5.42 4.35
N LEU A 9 20.16 5.58 4.43
CA LEU A 9 19.53 5.97 5.66
C LEU A 9 19.02 4.74 6.31
N VAL A 10 19.37 4.54 7.57
CA VAL A 10 18.89 3.42 8.31
C VAL A 10 17.90 3.89 9.30
N VAL A 11 16.72 3.30 9.27
CA VAL A 11 15.67 3.61 10.19
C VAL A 11 15.32 2.41 11.01
N ASP A 12 15.95 2.25 12.18
CA ASP A 12 15.71 1.10 13.04
C ASP A 12 15.84 1.49 14.49
N ASP A 13 15.02 0.92 15.35
CA ASP A 13 15.10 1.16 16.76
C ASP A 13 16.21 0.38 17.48
N ASP A 14 16.83 -0.55 16.79
CA ASP A 14 17.88 -1.37 17.34
C ASP A 14 19.16 -0.64 17.15
N ALA A 15 19.59 0.03 18.21
CA ALA A 15 20.75 0.87 18.17
C ALA A 15 22.00 0.11 17.90
N SER A 16 22.13 -1.04 18.50
CA SER A 16 23.26 -1.87 18.28
C SER A 16 23.37 -2.38 16.85
N LEU A 17 22.27 -2.86 16.31
CA LEU A 17 22.21 -3.32 14.95
C LEU A 17 22.49 -2.20 13.99
N ALA A 18 22.02 -1.01 14.29
CA ALA A 18 22.24 0.17 13.49
C ALA A 18 23.68 0.59 13.45
N GLU A 19 24.37 0.43 14.55
CA GLU A 19 25.80 0.68 14.62
C GLU A 19 26.55 -0.32 13.76
N MET A 20 26.13 -1.56 13.79
CA MET A 20 26.72 -2.55 12.94
C MET A 20 26.51 -2.27 11.46
N LEU A 21 25.31 -1.85 11.10
CA LEU A 21 25.04 -1.45 9.74
C LEU A 21 25.87 -0.26 9.40
N THR A 22 26.08 0.63 10.34
CA THR A 22 26.87 1.78 10.04
C THR A 22 28.26 1.42 9.70
N ILE A 23 28.87 0.60 10.52
CA ILE A 23 30.23 0.19 10.29
C ILE A 23 30.38 -0.59 9.03
N VAL A 24 29.56 -1.59 8.85
CA VAL A 24 29.64 -2.43 7.69
C VAL A 24 29.39 -1.70 6.40
N LEU A 25 28.37 -0.88 6.34
CA LEU A 25 28.07 -0.12 5.16
C LEU A 25 29.12 0.90 4.83
N ARG A 26 29.65 1.53 5.85
CA ARG A 26 30.73 2.50 5.72
C ARG A 26 31.99 1.86 5.21
N GLY A 27 32.20 0.63 5.63
CA GLY A 27 33.27 -0.22 5.19
C GLY A 27 33.11 -0.64 3.76
N GLU A 28 31.89 -0.58 3.24
CA GLU A 28 31.62 -0.93 1.87
C GLU A 28 31.64 0.25 0.96
N GLY A 29 32.02 1.40 1.48
CA GLY A 29 32.02 2.61 0.70
C GLY A 29 30.84 3.54 0.72
N PHE A 30 29.87 3.30 1.59
CA PHE A 30 28.71 4.14 1.67
C PHE A 30 28.83 5.12 2.82
N ASP A 31 27.96 6.11 2.84
CA ASP A 31 27.84 7.03 3.97
C ASP A 31 26.55 6.66 4.62
N THR A 32 26.47 6.82 5.92
CA THR A 32 25.27 6.40 6.58
C THR A 32 24.74 7.41 7.57
N ALA A 33 23.45 7.36 7.82
CA ALA A 33 22.82 8.15 8.81
C ALA A 33 21.84 7.23 9.46
N VAL A 34 21.56 7.42 10.73
CA VAL A 34 20.61 6.58 11.42
C VAL A 34 19.53 7.38 12.14
N ILE A 35 18.30 6.91 12.06
CA ILE A 35 17.24 7.44 12.88
C ILE A 35 16.53 6.27 13.53
N GLY A 36 16.00 6.46 14.71
CA GLY A 36 15.34 5.40 15.41
C GLY A 36 13.85 5.51 15.48
N ASP A 37 13.32 6.58 14.92
CA ASP A 37 11.91 6.87 14.97
C ASP A 37 11.33 7.14 13.59
N GLY A 38 10.18 6.58 13.33
CA GLY A 38 9.49 6.76 12.09
C GLY A 38 9.06 8.17 11.81
N THR A 39 8.66 8.88 12.84
CA THR A 39 8.22 10.24 12.69
C THR A 39 9.29 11.16 12.12
N GLN A 40 10.54 10.83 12.31
CA GLN A 40 11.58 11.67 11.75
C GLN A 40 12.11 11.30 10.37
N ALA A 41 11.54 10.29 9.77
CA ALA A 41 11.94 9.82 8.48
C ALA A 41 11.78 10.74 7.32
N LEU A 42 10.64 11.39 7.20
CA LEU A 42 10.41 12.31 6.09
C LEU A 42 11.36 13.47 6.10
N THR A 43 11.57 14.06 7.24
CA THR A 43 12.48 15.15 7.36
C THR A 43 13.90 14.70 7.06
N ALA A 44 14.25 13.53 7.53
CA ALA A 44 15.54 12.97 7.30
C ALA A 44 15.78 12.71 5.85
N VAL A 45 14.79 12.18 5.17
CA VAL A 45 14.92 11.95 3.76
C VAL A 45 15.05 13.22 2.95
N ARG A 46 14.25 14.20 3.27
CA ARG A 46 14.29 15.45 2.58
C ARG A 46 15.58 16.18 2.80
N GLU A 47 16.04 16.21 4.04
CA GLU A 47 17.31 16.81 4.35
C GLU A 47 18.53 16.04 3.89
N LEU A 48 18.63 14.79 4.29
CA LEU A 48 19.72 13.91 3.89
C LEU A 48 19.78 13.52 2.44
N ARG A 49 18.64 13.38 1.79
CA ARG A 49 18.60 12.94 0.41
C ARG A 49 19.27 11.60 0.12
N PRO A 50 18.90 10.57 0.86
CA PRO A 50 19.52 9.27 0.71
C PRO A 50 19.18 8.53 -0.54
N ASP A 51 20.16 7.80 -1.01
CA ASP A 51 20.08 6.91 -2.13
C ASP A 51 19.25 5.68 -1.87
N LEU A 52 19.20 5.25 -0.63
CA LEU A 52 18.35 4.17 -0.27
C LEU A 52 18.02 4.24 1.19
N VAL A 53 16.85 3.78 1.56
CA VAL A 53 16.42 3.74 2.93
C VAL A 53 16.26 2.30 3.35
N LEU A 54 16.87 1.93 4.47
CA LEU A 54 16.69 0.63 5.04
C LEU A 54 15.69 0.84 6.14
N LEU A 55 14.53 0.23 6.03
CA LEU A 55 13.47 0.50 6.95
C LEU A 55 12.94 -0.64 7.79
N ASP A 56 13.12 -0.57 9.08
CA ASP A 56 12.62 -1.57 9.97
C ASP A 56 11.11 -1.49 9.96
N LEU A 57 10.47 -2.63 9.83
CA LEU A 57 9.04 -2.75 9.78
C LEU A 57 8.32 -2.36 11.04
N MET A 58 8.88 -2.68 12.18
CA MET A 58 8.27 -2.30 13.41
C MET A 58 9.12 -1.28 14.09
N LEU A 59 8.59 -0.09 14.19
CA LEU A 59 9.30 0.99 14.78
C LEU A 59 8.44 1.61 15.85
N PRO A 60 9.07 2.41 16.67
CA PRO A 60 8.42 3.30 17.62
C PRO A 60 7.88 4.46 16.81
N GLY A 61 6.99 5.26 17.38
CA GLY A 61 6.34 6.30 16.61
C GLY A 61 5.57 5.64 15.49
N MET A 62 5.82 6.10 14.29
CA MET A 62 5.25 5.51 13.11
C MET A 62 5.91 4.17 12.78
N ASN A 63 5.12 3.21 12.35
CA ASN A 63 5.60 1.92 11.93
C ASN A 63 6.06 1.95 10.50
N GLY A 64 6.77 0.92 10.08
CA GLY A 64 7.41 0.87 8.80
C GLY A 64 6.54 0.95 7.59
N ILE A 65 5.37 0.38 7.66
CA ILE A 65 4.41 0.50 6.59
C ILE A 65 3.92 1.92 6.40
N ASP A 66 3.62 2.57 7.51
CA ASP A 66 3.20 3.95 7.55
C ASP A 66 4.27 4.87 7.04
N VAL A 67 5.49 4.61 7.46
CA VAL A 67 6.65 5.34 7.03
C VAL A 67 6.88 5.18 5.56
N CYS A 68 6.67 3.98 5.05
CA CYS A 68 6.84 3.68 3.67
C CYS A 68 5.86 4.46 2.81
N ARG A 69 4.64 4.57 3.27
CA ARG A 69 3.69 5.33 2.53
C ARG A 69 4.05 6.77 2.41
N VAL A 70 4.47 7.38 3.49
CA VAL A 70 4.83 8.78 3.52
C VAL A 70 5.98 9.02 2.61
N LEU A 71 6.99 8.19 2.69
CA LEU A 71 8.17 8.31 1.88
C LEU A 71 7.89 8.12 0.42
N ARG A 72 7.06 7.14 0.14
CA ARG A 72 6.67 6.80 -1.20
C ARG A 72 5.91 7.93 -1.86
N ALA A 73 5.13 8.64 -1.06
CA ALA A 73 4.45 9.83 -1.49
C ALA A 73 5.39 10.95 -1.85
N ASP A 74 6.44 11.14 -1.06
CA ASP A 74 7.47 12.15 -1.30
C ASP A 74 8.32 11.91 -2.52
N SER A 75 8.75 10.67 -2.68
CA SER A 75 9.65 10.32 -3.76
C SER A 75 9.71 8.85 -4.10
N GLY A 76 10.57 8.58 -5.05
CA GLY A 76 10.82 7.27 -5.58
C GLY A 76 12.07 6.61 -5.06
N VAL A 77 12.55 7.08 -3.93
CA VAL A 77 13.72 6.53 -3.30
C VAL A 77 13.43 5.12 -2.91
N PRO A 78 14.37 4.24 -3.19
CA PRO A 78 14.25 2.83 -2.89
C PRO A 78 14.21 2.54 -1.42
N ILE A 79 13.32 1.66 -1.03
CA ILE A 79 13.16 1.30 0.33
C ILE A 79 13.27 -0.20 0.47
N VAL A 80 14.09 -0.64 1.39
CA VAL A 80 14.15 -2.04 1.72
C VAL A 80 13.76 -2.22 3.16
N MET A 81 12.74 -3.00 3.38
CA MET A 81 12.30 -3.35 4.69
C MET A 81 13.21 -4.30 5.40
N LEU A 82 13.27 -4.15 6.71
CA LEU A 82 13.99 -5.02 7.58
C LEU A 82 12.95 -5.68 8.42
N THR A 83 12.84 -6.98 8.32
CA THR A 83 11.82 -7.65 9.05
C THR A 83 12.30 -8.90 9.75
N ALA A 84 11.66 -9.19 10.86
CA ALA A 84 12.00 -10.32 11.67
C ALA A 84 10.85 -11.30 11.63
N LYS A 85 11.14 -12.57 11.82
CA LYS A 85 10.11 -13.58 11.74
C LYS A 85 9.08 -13.34 12.81
N THR A 86 9.52 -12.74 13.88
CA THR A 86 8.65 -12.38 14.98
C THR A 86 7.62 -11.30 14.64
N ASP A 87 7.91 -10.45 13.68
CA ASP A 87 7.04 -9.32 13.46
C ASP A 87 5.61 -9.73 13.18
N THR A 88 4.68 -9.12 13.89
CA THR A 88 3.27 -9.33 13.68
C THR A 88 2.72 -8.79 12.35
N VAL A 89 3.17 -7.61 11.96
CA VAL A 89 2.75 -7.00 10.71
C VAL A 89 3.32 -7.73 9.51
N ASP A 90 2.58 -7.76 8.42
CA ASP A 90 3.05 -8.45 7.24
C ASP A 90 3.89 -7.56 6.32
N VAL A 91 5.06 -8.07 6.01
CA VAL A 91 6.01 -7.36 5.22
C VAL A 91 5.52 -7.13 3.80
N VAL A 92 4.71 -8.02 3.28
CA VAL A 92 4.17 -7.86 1.93
C VAL A 92 3.31 -6.62 1.83
N LEU A 93 2.71 -6.26 2.96
CA LEU A 93 1.92 -5.08 3.08
C LEU A 93 2.83 -3.89 2.82
N GLY A 94 4.05 -3.98 3.31
CA GLY A 94 5.07 -2.98 3.09
C GLY A 94 5.51 -2.82 1.66
N LEU A 95 5.58 -3.91 0.93
CA LEU A 95 5.92 -3.89 -0.48
C LEU A 95 4.86 -3.21 -1.29
N GLU A 96 3.62 -3.40 -0.90
CA GLU A 96 2.45 -2.80 -1.50
C GLU A 96 2.34 -1.32 -1.22
N SER A 97 2.96 -0.88 -0.14
CA SER A 97 2.95 0.49 0.29
C SER A 97 4.05 1.16 -0.42
N GLY A 98 4.69 0.42 -1.30
CA GLY A 98 5.79 0.90 -2.10
C GLY A 98 7.23 0.53 -1.84
N ALA A 99 7.53 -0.32 -0.88
CA ALA A 99 8.90 -0.78 -0.67
C ALA A 99 9.38 -1.64 -1.80
N ASP A 100 10.66 -1.59 -2.10
CA ASP A 100 11.19 -2.31 -3.21
C ASP A 100 11.69 -3.71 -2.91
N ASP A 101 11.92 -4.01 -1.65
CA ASP A 101 12.45 -5.29 -1.30
C ASP A 101 12.38 -5.43 0.19
N TYR A 102 12.82 -6.55 0.72
CA TYR A 102 12.83 -6.74 2.13
C TYR A 102 13.90 -7.70 2.52
N ILE A 103 14.27 -7.72 3.79
CA ILE A 103 15.26 -8.62 4.32
C ILE A 103 14.88 -9.15 5.67
N MET A 104 15.15 -10.41 5.88
CA MET A 104 14.90 -11.03 7.15
C MET A 104 16.03 -10.77 8.11
N LYS A 105 15.64 -10.54 9.35
CA LYS A 105 16.54 -10.26 10.42
C LYS A 105 16.50 -11.47 11.28
N PRO A 106 17.64 -11.85 11.83
CA PRO A 106 18.92 -11.22 11.58
C PRO A 106 19.53 -11.67 10.27
N PHE A 107 20.58 -11.02 9.81
CA PHE A 107 21.12 -11.25 8.50
C PHE A 107 22.63 -11.29 8.44
N LYS A 108 23.10 -11.89 7.37
CA LYS A 108 24.50 -11.94 7.11
C LYS A 108 24.70 -10.59 6.50
N PRO A 109 25.63 -9.84 7.02
CA PRO A 109 25.86 -8.50 6.57
C PRO A 109 26.23 -8.48 5.11
N LYS A 110 26.89 -9.52 4.69
CA LYS A 110 27.34 -9.67 3.34
C LYS A 110 26.17 -9.75 2.36
N GLU A 111 25.16 -10.48 2.76
CA GLU A 111 23.94 -10.59 2.04
C GLU A 111 23.16 -9.29 2.02
N LEU A 112 23.14 -8.57 3.12
CA LEU A 112 22.46 -7.30 3.15
C LEU A 112 23.06 -6.26 2.23
N VAL A 113 24.37 -6.19 2.18
CA VAL A 113 25.05 -5.28 1.32
C VAL A 113 24.79 -5.57 -0.12
N ALA A 114 24.69 -6.82 -0.45
CA ALA A 114 24.46 -7.22 -1.81
C ALA A 114 23.10 -6.80 -2.30
N ARG A 115 22.11 -7.03 -1.47
CA ARG A 115 20.76 -6.65 -1.74
C ARG A 115 20.62 -5.15 -1.82
N VAL A 116 21.33 -4.43 -0.99
CA VAL A 116 21.33 -3.00 -1.04
C VAL A 116 21.90 -2.53 -2.35
N ARG A 117 23.00 -3.10 -2.77
CA ARG A 117 23.63 -2.76 -4.04
C ARG A 117 22.76 -3.08 -5.22
N ALA A 118 21.90 -4.06 -5.06
CA ALA A 118 21.00 -4.47 -6.11
C ALA A 118 19.79 -3.59 -6.21
N ARG A 119 19.38 -2.94 -5.15
CA ARG A 119 18.21 -2.13 -5.24
C ARG A 119 18.52 -0.68 -5.50
N LEU A 120 19.79 -0.34 -5.57
CA LEU A 120 20.23 0.99 -5.88
C LEU A 120 20.15 1.22 -7.35
N ARG B 5 -5.80 -4.75 -1.71
CA ARG B 5 -6.97 -4.91 -0.86
C ARG B 5 -8.21 -4.78 -1.70
N GLN B 6 -8.99 -5.85 -1.72
CA GLN B 6 -10.22 -5.90 -2.48
C GLN B 6 -11.30 -5.05 -1.91
N ARG B 7 -12.09 -4.45 -2.76
CA ARG B 7 -13.14 -3.61 -2.25
C ARG B 7 -14.50 -3.91 -2.76
N ILE B 8 -15.45 -3.76 -1.86
CA ILE B 8 -16.81 -4.11 -2.09
C ILE B 8 -17.66 -2.89 -2.02
N LEU B 9 -18.52 -2.69 -3.00
CA LEU B 9 -19.43 -1.60 -2.92
C LEU B 9 -20.74 -2.15 -2.47
N VAL B 10 -21.29 -1.57 -1.43
CA VAL B 10 -22.57 -1.96 -0.93
C VAL B 10 -23.57 -0.90 -1.34
N VAL B 11 -24.64 -1.32 -1.96
CA VAL B 11 -25.66 -0.40 -2.37
C VAL B 11 -26.96 -0.86 -1.77
N ASP B 12 -27.30 -0.33 -0.61
CA ASP B 12 -28.52 -0.70 0.07
C ASP B 12 -29.05 0.50 0.85
N ASP B 13 -30.34 0.64 1.00
CA ASP B 13 -30.87 1.74 1.75
C ASP B 13 -31.00 1.52 3.26
N ASP B 14 -30.74 0.31 3.71
CA ASP B 14 -30.80 -0.08 5.09
C ASP B 14 -29.48 0.28 5.68
N ALA B 15 -29.44 1.41 6.35
CA ALA B 15 -28.22 1.97 6.88
C ALA B 15 -27.59 1.13 7.91
N SER B 16 -28.40 0.54 8.76
CA SER B 16 -27.95 -0.34 9.78
C SER B 16 -27.33 -1.61 9.23
N LEU B 17 -27.97 -2.23 8.27
CA LEU B 17 -27.47 -3.39 7.61
C LEU B 17 -26.16 -3.12 6.89
N ALA B 18 -26.07 -1.97 6.27
CA ALA B 18 -24.90 -1.53 5.56
C ALA B 18 -23.71 -1.30 6.46
N GLU B 19 -23.97 -0.78 7.65
CA GLU B 19 -22.96 -0.59 8.67
C GLU B 19 -22.47 -1.93 9.12
N MET B 20 -23.38 -2.85 9.29
CA MET B 20 -23.08 -4.19 9.69
C MET B 20 -22.22 -4.91 8.67
N LEU B 21 -22.55 -4.74 7.40
CA LEU B 21 -21.75 -5.26 6.34
C LEU B 21 -20.37 -4.65 6.32
N THR B 22 -20.27 -3.38 6.61
CA THR B 22 -19.00 -2.71 6.60
C THR B 22 -18.07 -3.26 7.61
N ILE B 23 -18.56 -3.42 8.81
CA ILE B 23 -17.77 -3.92 9.89
C ILE B 23 -17.36 -5.33 9.61
N VAL B 24 -18.32 -6.16 9.27
CA VAL B 24 -18.03 -7.54 8.98
C VAL B 24 -17.10 -7.75 7.81
N LEU B 25 -17.34 -7.09 6.70
CA LEU B 25 -16.47 -7.22 5.54
C LEU B 25 -15.08 -6.69 5.75
N ARG B 26 -14.97 -5.61 6.47
CA ARG B 26 -13.70 -5.02 6.86
C ARG B 26 -12.93 -5.96 7.77
N GLY B 27 -13.65 -6.74 8.55
CA GLY B 27 -13.10 -7.79 9.36
C GLY B 27 -12.46 -8.90 8.57
N GLU B 28 -12.90 -9.09 7.34
CA GLU B 28 -12.40 -10.13 6.48
C GLU B 28 -11.34 -9.68 5.53
N GLY B 29 -10.85 -8.48 5.75
CA GLY B 29 -9.80 -7.97 4.91
C GLY B 29 -10.18 -7.21 3.68
N PHE B 30 -11.43 -6.81 3.59
CA PHE B 30 -11.93 -6.06 2.47
C PHE B 30 -12.06 -4.62 2.84
N ASP B 31 -12.09 -3.77 1.83
CA ASP B 31 -12.35 -2.36 1.99
C ASP B 31 -13.75 -2.19 1.55
N THR B 32 -14.43 -1.16 2.00
CA THR B 32 -15.82 -1.00 1.63
C THR B 32 -16.24 0.41 1.43
N ALA B 33 -17.31 0.59 0.68
CA ALA B 33 -17.96 1.86 0.53
C ALA B 33 -19.42 1.54 0.48
N VAL B 34 -20.26 2.46 0.91
CA VAL B 34 -21.68 2.26 0.92
C VAL B 34 -22.39 3.41 0.28
N ILE B 35 -23.39 3.15 -0.52
CA ILE B 35 -24.28 4.18 -1.03
C ILE B 35 -25.67 3.67 -0.92
N GLY B 36 -26.62 4.54 -0.71
CA GLY B 36 -27.99 4.15 -0.52
C GLY B 36 -28.97 4.40 -1.63
N ASP B 37 -28.50 5.01 -2.70
CA ASP B 37 -29.35 5.33 -3.82
C ASP B 37 -28.78 4.85 -5.13
N GLY B 38 -29.65 4.28 -5.94
CA GLY B 38 -29.31 3.66 -7.18
C GLY B 38 -28.68 4.61 -8.15
N THR B 39 -29.13 5.84 -8.12
CA THR B 39 -28.65 6.89 -8.98
C THR B 39 -27.17 7.18 -8.84
N GLN B 40 -26.62 6.97 -7.67
CA GLN B 40 -25.20 7.20 -7.45
C GLN B 40 -24.30 6.01 -7.76
N ALA B 41 -24.88 4.90 -8.11
CA ALA B 41 -24.11 3.71 -8.39
C ALA B 41 -23.14 3.70 -9.53
N LEU B 42 -23.49 4.22 -10.69
CA LEU B 42 -22.55 4.24 -11.79
C LEU B 42 -21.33 5.08 -11.50
N THR B 43 -21.59 6.23 -10.91
CA THR B 43 -20.56 7.13 -10.49
C THR B 43 -19.67 6.54 -9.42
N ALA B 44 -20.27 5.87 -8.47
CA ALA B 44 -19.53 5.27 -7.40
C ALA B 44 -18.64 4.23 -7.94
N VAL B 45 -19.15 3.43 -8.84
CA VAL B 45 -18.39 2.39 -9.46
C VAL B 45 -17.22 2.85 -10.30
N ARG B 46 -17.42 3.85 -11.12
CA ARG B 46 -16.35 4.36 -11.95
C ARG B 46 -15.24 4.97 -11.16
N GLU B 47 -15.58 5.72 -10.15
CA GLU B 47 -14.60 6.26 -9.24
C GLU B 47 -13.92 5.32 -8.29
N LEU B 48 -14.70 4.56 -7.54
CA LEU B 48 -14.25 3.57 -6.59
C LEU B 48 -13.62 2.37 -7.19
N ARG B 49 -14.08 1.98 -8.35
CA ARG B 49 -13.60 0.79 -9.01
C ARG B 49 -13.62 -0.47 -8.14
N PRO B 50 -14.80 -0.82 -7.62
CA PRO B 50 -14.94 -1.95 -6.74
C PRO B 50 -14.81 -3.29 -7.39
N ASP B 51 -14.26 -4.21 -6.64
CA ASP B 51 -14.16 -5.59 -7.00
C ASP B 51 -15.47 -6.34 -7.06
N LEU B 52 -16.41 -5.99 -6.20
CA LEU B 52 -17.70 -6.58 -6.28
C LEU B 52 -18.70 -5.59 -5.76
N VAL B 53 -19.88 -5.62 -6.32
CA VAL B 53 -20.96 -4.80 -5.89
C VAL B 53 -22.03 -5.69 -5.29
N LEU B 54 -22.47 -5.33 -4.10
CA LEU B 54 -23.57 -5.97 -3.45
C LEU B 54 -24.73 -5.06 -3.67
N LEU B 55 -25.78 -5.54 -4.30
CA LEU B 55 -26.87 -4.70 -4.70
C LEU B 55 -28.25 -5.05 -4.17
N ASP B 56 -28.86 -4.16 -3.42
CA ASP B 56 -30.22 -4.34 -2.95
C ASP B 56 -31.17 -4.22 -4.11
N LEU B 57 -32.04 -5.20 -4.26
CA LEU B 57 -33.02 -5.25 -5.31
C LEU B 57 -34.01 -4.14 -5.25
N MET B 58 -34.45 -3.77 -4.06
CA MET B 58 -35.37 -2.68 -3.92
C MET B 58 -34.66 -1.51 -3.31
N LEU B 59 -34.44 -0.49 -4.10
CA LEU B 59 -33.73 0.67 -3.68
C LEU B 59 -34.55 1.87 -4.01
N PRO B 60 -34.21 2.99 -3.40
CA PRO B 60 -34.74 4.29 -3.70
C PRO B 60 -34.11 4.77 -4.98
N GLY B 61 -34.66 5.81 -5.58
CA GLY B 61 -34.21 6.24 -6.88
C GLY B 61 -34.45 5.05 -7.79
N MET B 62 -33.42 4.70 -8.51
CA MET B 62 -33.38 3.57 -9.39
C MET B 62 -33.40 2.27 -8.58
N ASN B 63 -34.15 1.29 -9.04
CA ASN B 63 -34.14 -0.01 -8.42
C ASN B 63 -33.00 -0.91 -8.88
N GLY B 64 -32.80 -2.02 -8.20
CA GLY B 64 -31.67 -2.88 -8.43
C GLY B 64 -31.53 -3.50 -9.78
N ILE B 65 -32.63 -3.84 -10.41
CA ILE B 65 -32.60 -4.39 -11.75
C ILE B 65 -32.07 -3.36 -12.71
N ASP B 66 -32.52 -2.14 -12.56
CA ASP B 66 -32.08 -1.01 -13.34
C ASP B 66 -30.63 -0.64 -13.17
N VAL B 67 -30.19 -0.65 -11.93
CA VAL B 67 -28.82 -0.42 -11.57
C VAL B 67 -27.92 -1.48 -12.14
N CYS B 68 -28.36 -2.71 -12.13
CA CYS B 68 -27.63 -3.80 -12.67
C CYS B 68 -27.44 -3.63 -14.15
N ARG B 69 -28.50 -3.18 -14.80
CA ARG B 69 -28.43 -2.97 -16.22
C ARG B 69 -27.42 -1.91 -16.54
N VAL B 70 -27.44 -0.83 -15.79
CA VAL B 70 -26.51 0.26 -16.00
C VAL B 70 -25.08 -0.11 -15.76
N LEU B 71 -24.82 -0.82 -14.68
CA LEU B 71 -23.50 -1.28 -14.36
C LEU B 71 -22.94 -2.28 -15.33
N ARG B 72 -23.80 -3.18 -15.76
CA ARG B 72 -23.45 -4.23 -16.67
C ARG B 72 -23.04 -3.65 -18.03
N ALA B 73 -23.70 -2.58 -18.42
CA ALA B 73 -23.38 -1.85 -19.60
C ALA B 73 -22.01 -1.24 -19.50
N ASP B 74 -21.65 -0.73 -18.33
CA ASP B 74 -20.33 -0.18 -18.02
C ASP B 74 -19.16 -1.14 -17.96
N SER B 75 -19.35 -2.26 -17.30
CA SER B 75 -18.30 -3.21 -17.08
C SER B 75 -18.79 -4.58 -16.65
N GLY B 76 -17.83 -5.44 -16.38
CA GLY B 76 -18.06 -6.79 -15.95
C GLY B 76 -17.91 -7.05 -14.48
N VAL B 77 -17.95 -6.00 -13.69
CA VAL B 77 -17.79 -6.10 -12.27
C VAL B 77 -18.84 -7.04 -11.78
N PRO B 78 -18.45 -7.93 -10.89
CA PRO B 78 -19.33 -8.90 -10.29
C PRO B 78 -20.41 -8.26 -9.45
N ILE B 79 -21.63 -8.71 -9.63
CA ILE B 79 -22.74 -8.18 -8.92
C ILE B 79 -23.51 -9.29 -8.20
N VAL B 80 -23.76 -9.10 -6.92
CA VAL B 80 -24.58 -10.00 -6.16
C VAL B 80 -25.74 -9.24 -5.59
N MET B 81 -26.94 -9.66 -5.94
CA MET B 81 -28.14 -9.07 -5.44
C MET B 81 -28.44 -9.44 -4.01
N LEU B 82 -29.06 -8.52 -3.29
CA LEU B 82 -29.52 -8.73 -1.95
C LEU B 82 -30.98 -8.66 -2.07
N THR B 83 -31.65 -9.72 -1.69
CA THR B 83 -33.07 -9.76 -1.85
C THR B 83 -33.79 -10.33 -0.67
N ALA B 84 -35.01 -9.86 -0.50
CA ALA B 84 -35.83 -10.30 0.61
C ALA B 84 -37.01 -11.11 0.15
N LYS B 85 -37.52 -11.93 1.04
CA LYS B 85 -38.62 -12.79 0.74
C LYS B 85 -39.80 -11.93 0.38
N THR B 86 -39.90 -10.81 1.05
CA THR B 86 -40.93 -9.83 0.83
C THR B 86 -40.88 -9.13 -0.52
N ASP B 87 -39.71 -9.02 -1.11
CA ASP B 87 -39.56 -8.22 -2.29
C ASP B 87 -40.53 -8.61 -3.39
N THR B 88 -41.24 -7.62 -3.92
CA THR B 88 -42.13 -7.79 -5.05
C THR B 88 -41.46 -8.11 -6.39
N VAL B 89 -40.33 -7.45 -6.67
CA VAL B 89 -39.61 -7.69 -7.90
C VAL B 89 -38.94 -9.05 -7.93
N ASP B 90 -38.92 -9.68 -9.08
CA ASP B 90 -38.27 -10.95 -9.23
C ASP B 90 -36.77 -10.78 -9.28
N VAL B 91 -36.08 -11.51 -8.43
CA VAL B 91 -34.64 -11.50 -8.37
C VAL B 91 -34.01 -12.05 -9.62
N VAL B 92 -34.66 -13.00 -10.25
CA VAL B 92 -34.11 -13.64 -11.43
C VAL B 92 -33.95 -12.67 -12.57
N LEU B 93 -34.70 -11.59 -12.51
CA LEU B 93 -34.54 -10.51 -13.44
C LEU B 93 -33.18 -9.90 -13.29
N GLY B 94 -32.68 -9.83 -12.08
CA GLY B 94 -31.38 -9.31 -11.79
C GLY B 94 -30.28 -10.12 -12.40
N LEU B 95 -30.42 -11.43 -12.35
CA LEU B 95 -29.45 -12.30 -12.96
C LEU B 95 -29.45 -12.18 -14.48
N GLU B 96 -30.63 -12.03 -15.04
CA GLU B 96 -30.82 -11.86 -16.46
C GLU B 96 -30.34 -10.52 -16.96
N SER B 97 -30.23 -9.59 -16.04
CA SER B 97 -29.77 -8.24 -16.29
C SER B 97 -28.31 -8.20 -16.09
N GLY B 98 -27.75 -9.36 -15.83
CA GLY B 98 -26.33 -9.49 -15.62
C GLY B 98 -25.75 -9.66 -14.26
N ALA B 99 -26.55 -9.81 -13.22
CA ALA B 99 -26.04 -10.10 -11.89
C ALA B 99 -25.52 -11.51 -11.85
N ASP B 100 -24.50 -11.75 -11.08
CA ASP B 100 -23.90 -13.05 -11.02
C ASP B 100 -24.49 -13.95 -9.95
N ASP B 101 -25.15 -13.39 -8.98
CA ASP B 101 -25.64 -14.19 -7.90
C ASP B 101 -26.61 -13.40 -7.09
N TYR B 102 -27.19 -14.00 -6.08
CA TYR B 102 -28.06 -13.27 -5.22
C TYR B 102 -27.96 -13.94 -3.91
N ILE B 103 -28.43 -13.25 -2.90
CA ILE B 103 -28.46 -13.72 -1.56
C ILE B 103 -29.77 -13.34 -0.97
N MET B 104 -30.34 -14.21 -0.17
CA MET B 104 -31.56 -13.91 0.51
C MET B 104 -31.24 -13.27 1.82
N LYS B 105 -31.87 -12.18 2.11
CA LYS B 105 -31.65 -11.54 3.37
C LYS B 105 -32.94 -11.57 4.14
N PRO B 106 -32.86 -11.63 5.45
CA PRO B 106 -31.61 -11.56 6.20
C PRO B 106 -30.73 -12.75 6.08
N PHE B 107 -29.44 -12.51 6.16
CA PHE B 107 -28.46 -13.51 5.87
C PHE B 107 -27.48 -13.65 6.99
N LYS B 108 -26.87 -14.81 7.06
CA LYS B 108 -25.86 -15.06 8.04
C LYS B 108 -24.63 -14.49 7.48
N PRO B 109 -23.92 -13.73 8.27
CA PRO B 109 -22.74 -13.07 7.76
C PRO B 109 -21.67 -14.00 7.25
N LYS B 110 -21.46 -15.16 7.83
CA LYS B 110 -20.42 -16.03 7.31
C LYS B 110 -20.76 -16.48 5.91
N GLU B 111 -22.01 -16.73 5.72
CA GLU B 111 -22.52 -17.15 4.46
C GLU B 111 -22.40 -16.09 3.41
N LEU B 112 -22.67 -14.85 3.75
CA LEU B 112 -22.52 -13.77 2.83
C LEU B 112 -21.08 -13.53 2.41
N VAL B 113 -20.16 -13.61 3.34
CA VAL B 113 -18.77 -13.43 3.03
C VAL B 113 -18.27 -14.50 2.10
N ALA B 114 -18.76 -15.71 2.32
CA ALA B 114 -18.36 -16.85 1.53
C ALA B 114 -18.81 -16.74 0.11
N ARG B 115 -20.03 -16.30 -0.08
CA ARG B 115 -20.58 -16.11 -1.40
C ARG B 115 -19.84 -15.02 -2.14
N VAL B 116 -19.41 -14.01 -1.43
CA VAL B 116 -18.69 -12.91 -1.99
C VAL B 116 -17.36 -13.34 -2.51
N ARG B 117 -16.66 -14.14 -1.74
CA ARG B 117 -15.38 -14.67 -2.14
C ARG B 117 -15.53 -15.56 -3.33
N ALA B 118 -16.63 -16.25 -3.41
CA ALA B 118 -16.87 -17.17 -4.49
C ALA B 118 -17.08 -16.46 -5.79
N ARG B 119 -17.71 -15.31 -5.74
CA ARG B 119 -17.98 -14.56 -6.93
C ARG B 119 -16.89 -13.57 -7.28
N LEU B 120 -15.81 -13.54 -6.53
CA LEU B 120 -14.68 -12.70 -6.83
C LEU B 120 -13.70 -13.43 -7.70
N MET C 4 -6.28 -24.43 -11.84
CA MET C 4 -6.14 -22.99 -11.71
C MET C 4 -5.72 -22.56 -10.33
N ARG C 5 -4.93 -23.42 -9.68
CA ARG C 5 -4.13 -23.12 -8.52
C ARG C 5 -3.04 -22.32 -9.17
N GLN C 6 -2.29 -21.54 -8.43
CA GLN C 6 -1.20 -20.83 -9.07
C GLN C 6 -0.08 -21.77 -9.47
N ARG C 7 0.69 -21.42 -10.49
CA ARG C 7 1.74 -22.27 -11.02
C ARG C 7 3.11 -21.69 -10.91
N ILE C 8 4.06 -22.51 -10.51
CA ILE C 8 5.42 -22.12 -10.40
C ILE C 8 6.21 -23.01 -11.31
N LEU C 9 7.06 -22.41 -12.13
CA LEU C 9 7.95 -23.13 -12.97
C LEU C 9 9.30 -23.04 -12.34
N VAL C 10 9.91 -24.18 -12.09
CA VAL C 10 11.20 -24.25 -11.50
C VAL C 10 12.14 -24.68 -12.57
N VAL C 11 13.17 -23.89 -12.79
CA VAL C 11 14.19 -24.20 -13.74
C VAL C 11 15.50 -24.33 -13.04
N ASP C 12 15.89 -25.54 -12.71
CA ASP C 12 17.12 -25.82 -12.05
C ASP C 12 17.62 -27.18 -12.45
N ASP C 13 18.91 -27.39 -12.51
CA ASP C 13 19.40 -28.71 -12.82
C ASP C 13 19.57 -29.64 -11.64
N ASP C 14 19.39 -29.12 -10.45
CA ASP C 14 19.54 -29.86 -9.23
C ASP C 14 18.23 -30.54 -8.96
N ALA C 15 18.15 -31.79 -9.39
CA ALA C 15 16.94 -32.57 -9.32
C ALA C 15 16.46 -32.80 -7.91
N SER C 16 17.38 -33.05 -7.02
CA SER C 16 16.99 -33.26 -5.66
C SER C 16 16.37 -32.02 -5.07
N LEU C 17 17.01 -30.89 -5.27
CA LEU C 17 16.50 -29.61 -4.83
C LEU C 17 15.22 -29.24 -5.49
N ALA C 18 15.09 -29.55 -6.76
CA ALA C 18 13.89 -29.25 -7.50
C ALA C 18 12.73 -30.01 -6.97
N GLU C 19 12.99 -31.23 -6.56
CA GLU C 19 12.01 -32.09 -5.96
C GLU C 19 11.53 -31.58 -4.61
N MET C 20 12.44 -31.10 -3.81
CA MET C 20 12.08 -30.54 -2.54
C MET C 20 11.20 -29.34 -2.75
N LEU C 21 11.53 -28.52 -3.73
CA LEU C 21 10.74 -27.37 -4.11
C LEU C 21 9.39 -27.80 -4.59
N THR C 22 9.33 -28.91 -5.28
CA THR C 22 8.06 -29.41 -5.71
C THR C 22 7.15 -29.79 -4.60
N ILE C 23 7.66 -30.57 -3.67
CA ILE C 23 6.88 -31.00 -2.54
C ILE C 23 6.44 -29.85 -1.71
N VAL C 24 7.36 -28.97 -1.38
CA VAL C 24 7.08 -27.83 -0.56
C VAL C 24 6.11 -26.82 -1.13
N LEU C 25 6.25 -26.45 -2.38
CA LEU C 25 5.35 -25.55 -3.03
C LEU C 25 3.94 -26.13 -3.19
N ARG C 26 3.87 -27.39 -3.50
CA ARG C 26 2.61 -28.09 -3.64
C ARG C 26 1.86 -28.15 -2.32
N GLY C 27 2.61 -28.27 -1.25
CA GLY C 27 2.12 -28.26 0.11
C GLY C 27 1.56 -26.92 0.46
N GLU C 28 1.99 -25.90 -0.24
CA GLU C 28 1.51 -24.55 -0.01
C GLU C 28 0.42 -24.18 -0.96
N GLY C 29 -0.04 -25.11 -1.75
CA GLY C 29 -1.09 -24.82 -2.69
C GLY C 29 -0.77 -24.45 -4.12
N PHE C 30 0.42 -24.69 -4.57
CA PHE C 30 0.77 -24.32 -5.92
C PHE C 30 0.88 -25.56 -6.75
N ASP C 31 0.86 -25.36 -8.05
CA ASP C 31 1.11 -26.40 -9.01
C ASP C 31 2.53 -26.12 -9.41
N THR C 32 3.31 -27.13 -9.68
CA THR C 32 4.67 -26.88 -10.04
C THR C 32 5.13 -27.73 -11.20
N ALA C 33 6.05 -27.21 -11.99
CA ALA C 33 6.62 -27.96 -13.04
C ALA C 33 8.10 -27.70 -12.97
N VAL C 34 8.91 -28.65 -13.36
CA VAL C 34 10.34 -28.51 -13.31
C VAL C 34 10.98 -28.74 -14.65
N ILE C 35 12.00 -27.99 -14.99
CA ILE C 35 12.81 -28.27 -16.15
C ILE C 35 14.23 -28.09 -15.75
N GLY C 36 15.12 -28.86 -16.32
CA GLY C 36 16.50 -28.75 -15.94
C GLY C 36 17.43 -28.10 -16.92
N ASP C 37 16.90 -27.63 -18.02
CA ASP C 37 17.70 -27.07 -19.08
C ASP C 37 17.16 -25.72 -19.49
N GLY C 38 18.04 -24.75 -19.65
CA GLY C 38 17.68 -23.41 -20.03
C GLY C 38 17.04 -23.32 -21.37
N THR C 39 17.48 -24.16 -22.28
CA THR C 39 16.97 -24.19 -23.63
C THR C 39 15.52 -24.54 -23.76
N GLN C 40 14.97 -25.24 -22.80
CA GLN C 40 13.58 -25.60 -22.88
C GLN C 40 12.64 -24.68 -22.13
N ALA C 41 13.17 -23.63 -21.56
CA ALA C 41 12.44 -22.69 -20.77
C ALA C 41 11.37 -21.90 -21.47
N LEU C 42 11.65 -21.42 -22.67
CA LEU C 42 10.69 -20.64 -23.43
C LEU C 42 9.48 -21.42 -23.81
N THR C 43 9.65 -22.64 -24.26
CA THR C 43 8.54 -23.50 -24.60
C THR C 43 7.70 -23.84 -23.39
N ALA C 44 8.35 -24.09 -22.28
CA ALA C 44 7.68 -24.41 -21.05
C ALA C 44 6.83 -23.28 -20.59
N VAL C 45 7.33 -22.07 -20.67
CA VAL C 45 6.56 -20.93 -20.24
C VAL C 45 5.36 -20.70 -21.11
N ARG C 46 5.54 -20.81 -22.40
CA ARG C 46 4.45 -20.65 -23.32
C ARG C 46 3.41 -21.74 -23.20
N GLU C 47 3.82 -22.98 -23.11
CA GLU C 47 2.87 -24.05 -22.91
C GLU C 47 2.22 -24.08 -21.53
N LEU C 48 3.04 -24.06 -20.49
CA LEU C 48 2.62 -24.04 -19.09
C LEU C 48 1.94 -22.81 -18.56
N ARG C 49 2.35 -21.64 -19.05
CA ARG C 49 1.85 -20.37 -18.57
C ARG C 49 1.97 -20.12 -17.06
N PRO C 50 3.14 -20.31 -16.50
CA PRO C 50 3.32 -20.19 -15.08
C PRO C 50 3.17 -18.81 -14.56
N ASP C 51 2.69 -18.73 -13.34
CA ASP C 51 2.58 -17.51 -12.59
C ASP C 51 3.90 -16.89 -12.13
N LEU C 52 4.87 -17.72 -11.83
CA LEU C 52 6.17 -17.25 -11.51
C LEU C 52 7.18 -18.26 -12.00
N VAL C 53 8.38 -17.81 -12.27
CA VAL C 53 9.44 -18.67 -12.64
C VAL C 53 10.52 -18.54 -11.60
N LEU C 54 11.01 -19.65 -11.10
CA LEU C 54 12.15 -19.68 -10.22
C LEU C 54 13.29 -20.13 -11.09
N LEU C 55 14.30 -19.30 -11.24
CA LEU C 55 15.36 -19.60 -12.15
C LEU C 55 16.75 -19.66 -11.57
N ASP C 56 17.39 -20.80 -11.70
CA ASP C 56 18.73 -21.02 -11.25
C ASP C 56 19.62 -20.27 -12.17
N LEU C 57 20.58 -19.57 -11.63
CA LEU C 57 21.51 -18.75 -12.37
C LEU C 57 22.44 -19.52 -13.26
N MET C 58 22.95 -20.64 -12.80
CA MET C 58 23.85 -21.40 -13.60
C MET C 58 23.19 -22.67 -14.08
N LEU C 59 23.07 -22.78 -15.37
CA LEU C 59 22.39 -23.88 -15.95
C LEU C 59 23.13 -24.39 -17.14
N PRO C 60 22.76 -25.58 -17.56
CA PRO C 60 23.11 -26.18 -18.82
C PRO C 60 22.20 -25.59 -19.88
N GLY C 61 22.54 -25.78 -21.14
CA GLY C 61 21.79 -25.25 -22.25
C GLY C 61 22.01 -23.77 -22.43
N MET C 62 21.61 -22.97 -21.49
CA MET C 62 21.98 -21.58 -21.45
C MET C 62 21.83 -21.19 -20.00
N ASN C 63 22.58 -20.21 -19.57
CA ASN C 63 22.54 -19.77 -18.20
C ASN C 63 21.32 -18.97 -17.91
N GLY C 64 21.12 -18.69 -16.65
CA GLY C 64 19.96 -18.01 -16.16
C GLY C 64 19.79 -16.63 -16.67
N ILE C 65 20.88 -15.94 -16.90
CA ILE C 65 20.81 -14.61 -17.44
C ILE C 65 20.25 -14.63 -18.84
N ASP C 66 20.76 -15.53 -19.65
CA ASP C 66 20.34 -15.70 -21.01
C ASP C 66 18.92 -16.12 -21.07
N VAL C 67 18.53 -17.02 -20.19
CA VAL C 67 17.16 -17.47 -20.12
C VAL C 67 16.25 -16.35 -19.75
N CYS C 68 16.68 -15.52 -18.84
CA CYS C 68 15.94 -14.41 -18.36
C CYS C 68 15.66 -13.41 -19.45
N ARG C 69 16.63 -13.16 -20.30
CA ARG C 69 16.42 -12.24 -21.38
C ARG C 69 15.38 -12.74 -22.32
N VAL C 70 15.45 -14.00 -22.67
CA VAL C 70 14.51 -14.58 -23.58
C VAL C 70 13.11 -14.54 -23.03
N LEU C 71 12.96 -14.83 -21.76
CA LEU C 71 11.69 -14.78 -21.08
C LEU C 71 11.06 -13.41 -20.98
N ARG C 72 11.88 -12.41 -20.73
CA ARG C 72 11.45 -11.04 -20.68
C ARG C 72 10.95 -10.55 -22.01
N ALA C 73 11.60 -10.98 -23.05
CA ALA C 73 11.19 -10.66 -24.36
C ALA C 73 9.81 -11.23 -24.63
N ASP C 74 9.53 -12.41 -24.13
CA ASP C 74 8.23 -13.00 -24.28
C ASP C 74 7.12 -12.39 -23.46
N SER C 75 7.37 -12.17 -22.18
CA SER C 75 6.35 -11.69 -21.24
C SER C 75 6.89 -11.05 -19.99
N GLY C 76 5.94 -10.62 -19.19
CA GLY C 76 6.13 -9.97 -17.91
C GLY C 76 5.99 -10.89 -16.72
N VAL C 77 6.15 -12.18 -16.95
CA VAL C 77 6.10 -13.15 -15.90
C VAL C 77 7.22 -12.89 -14.95
N PRO C 78 6.91 -13.00 -13.67
CA PRO C 78 7.86 -12.77 -12.62
C PRO C 78 8.91 -13.81 -12.60
N ILE C 79 10.15 -13.39 -12.50
CA ILE C 79 11.25 -14.25 -12.45
C ILE C 79 12.02 -13.99 -11.17
N VAL C 80 12.30 -15.04 -10.42
CA VAL C 80 13.13 -14.94 -9.26
C VAL C 80 14.28 -15.88 -9.47
N MET C 81 15.48 -15.35 -9.36
CA MET C 81 16.69 -16.11 -9.52
C MET C 81 17.14 -16.85 -8.28
N LEU C 82 17.74 -18.00 -8.53
CA LEU C 82 18.27 -18.82 -7.50
C LEU C 82 19.74 -18.77 -7.64
N THR C 83 20.45 -18.31 -6.62
CA THR C 83 21.86 -18.18 -6.76
C THR C 83 22.70 -18.62 -5.57
N ALA C 84 23.73 -19.41 -5.82
CA ALA C 84 24.67 -19.78 -4.78
C ALA C 84 25.76 -18.74 -4.51
N LYS C 85 26.29 -18.76 -3.31
CA LYS C 85 27.29 -17.82 -2.92
C LYS C 85 28.48 -18.02 -3.82
N THR C 86 28.75 -19.26 -4.14
CA THR C 86 29.84 -19.65 -5.00
C THR C 86 29.73 -19.18 -6.43
N ASP C 87 28.52 -18.98 -6.90
CA ASP C 87 28.29 -18.68 -8.29
C ASP C 87 29.14 -17.52 -8.77
N THR C 88 29.86 -17.74 -9.86
CA THR C 88 30.68 -16.73 -10.49
C THR C 88 29.96 -15.54 -11.16
N VAL C 89 28.89 -15.82 -11.88
CA VAL C 89 28.15 -14.76 -12.53
C VAL C 89 27.50 -13.88 -11.49
N ASP C 90 27.46 -12.59 -11.73
CA ASP C 90 26.82 -11.67 -10.81
C ASP C 90 25.32 -11.75 -11.01
N VAL C 91 24.61 -11.93 -9.92
CA VAL C 91 23.19 -12.08 -9.97
C VAL C 91 22.50 -10.82 -10.48
N VAL C 92 23.09 -9.67 -10.19
CA VAL C 92 22.48 -8.39 -10.54
C VAL C 92 22.33 -8.23 -12.03
N LEU C 93 23.13 -8.96 -12.77
CA LEU C 93 23.02 -9.00 -14.20
C LEU C 93 21.68 -9.57 -14.55
N GLY C 94 21.26 -10.56 -13.78
CA GLY C 94 19.95 -11.16 -13.93
C GLY C 94 18.82 -10.22 -13.63
N LEU C 95 18.99 -9.41 -12.61
CA LEU C 95 18.00 -8.39 -12.28
C LEU C 95 17.91 -7.34 -13.37
N GLU C 96 19.05 -7.03 -13.97
CA GLU C 96 19.16 -6.11 -15.07
C GLU C 96 18.63 -6.65 -16.38
N SER C 97 18.57 -7.97 -16.47
CA SER C 97 18.07 -8.67 -17.64
C SER C 97 16.59 -8.86 -17.51
N GLY C 98 16.04 -8.33 -16.43
CA GLY C 98 14.62 -8.40 -16.19
C GLY C 98 14.06 -9.22 -15.06
N ALA C 99 14.87 -9.90 -14.28
CA ALA C 99 14.35 -10.64 -13.16
C ALA C 99 13.88 -9.72 -12.05
N ASP C 100 12.87 -10.13 -11.31
CA ASP C 100 12.32 -9.31 -10.29
C ASP C 100 12.93 -9.45 -8.90
N ASP C 101 13.64 -10.53 -8.65
CA ASP C 101 14.19 -10.79 -7.36
C ASP C 101 15.17 -11.93 -7.44
N TYR C 102 15.83 -12.23 -6.34
CA TYR C 102 16.72 -13.34 -6.30
C TYR C 102 16.71 -13.83 -4.90
N ILE C 103 17.05 -15.09 -4.72
CA ILE C 103 17.20 -15.66 -3.40
C ILE C 103 18.39 -16.58 -3.36
N MET C 104 19.16 -16.48 -2.31
CA MET C 104 20.36 -17.27 -2.12
C MET C 104 20.16 -18.71 -1.78
N LYS C 105 21.08 -19.50 -2.27
CA LYS C 105 21.21 -20.91 -2.03
C LYS C 105 22.40 -21.13 -1.13
N PRO C 106 22.23 -22.08 -0.23
CA PRO C 106 20.95 -22.73 -0.02
C PRO C 106 20.02 -21.89 0.82
N PHE C 107 18.74 -22.18 0.78
CA PHE C 107 17.76 -21.34 1.39
C PHE C 107 16.86 -22.10 2.32
N LYS C 108 16.15 -21.37 3.16
CA LYS C 108 15.16 -21.95 4.00
C LYS C 108 13.87 -21.96 3.25
N PRO C 109 13.19 -23.07 3.24
CA PRO C 109 12.00 -23.20 2.43
C PRO C 109 10.96 -22.20 2.77
N LYS C 110 10.81 -21.90 4.03
CA LYS C 110 9.81 -20.96 4.45
C LYS C 110 10.06 -19.58 3.88
N GLU C 111 11.31 -19.20 3.84
CA GLU C 111 11.74 -17.94 3.29
C GLU C 111 11.45 -17.89 1.83
N LEU C 112 11.74 -18.96 1.13
CA LEU C 112 11.50 -19.01 -0.28
C LEU C 112 10.04 -18.86 -0.66
N VAL C 113 9.18 -19.48 0.08
CA VAL C 113 7.76 -19.40 -0.20
C VAL C 113 7.25 -18.00 -0.03
N ALA C 114 7.76 -17.31 0.95
CA ALA C 114 7.34 -15.95 1.21
C ALA C 114 7.73 -14.98 0.12
N ARG C 115 8.94 -15.10 -0.35
CA ARG C 115 9.44 -14.31 -1.44
C ARG C 115 8.70 -14.63 -2.73
N VAL C 116 8.34 -15.88 -2.92
CA VAL C 116 7.56 -16.22 -4.06
C VAL C 116 6.22 -15.56 -3.96
N ARG C 117 5.60 -15.65 -2.81
CA ARG C 117 4.29 -15.07 -2.61
C ARG C 117 4.30 -13.59 -2.76
N ALA C 118 5.40 -12.98 -2.37
CA ALA C 118 5.61 -11.55 -2.49
C ALA C 118 5.74 -11.07 -3.91
N ARG C 119 6.42 -11.83 -4.75
CA ARG C 119 6.61 -11.43 -6.11
C ARG C 119 5.50 -11.80 -7.05
N LEU C 120 4.54 -12.57 -6.59
CA LEU C 120 3.38 -12.87 -7.38
C LEU C 120 2.54 -11.61 -7.54
N ARG C 121 2.10 -11.34 -8.74
CA ARG C 121 1.38 -10.11 -9.07
C ARG C 121 2.27 -8.89 -8.86
N MET D 4 -17.87 11.96 20.31
CA MET D 4 -17.00 11.53 19.23
C MET D 4 -15.62 12.14 19.38
N ARG D 5 -14.72 11.71 18.52
CA ARG D 5 -13.34 12.18 18.51
C ARG D 5 -13.22 13.59 17.99
N GLN D 6 -12.16 14.26 18.39
CA GLN D 6 -11.87 15.56 17.90
C GLN D 6 -11.35 15.46 16.50
N ARG D 7 -11.64 16.43 15.68
CA ARG D 7 -11.20 16.37 14.31
C ARG D 7 -10.42 17.54 13.81
N ILE D 8 -9.40 17.23 13.06
CA ILE D 8 -8.50 18.18 12.55
C ILE D 8 -8.60 18.20 11.05
N LEU D 9 -8.71 19.39 10.49
CA LEU D 9 -8.65 19.54 9.06
C LEU D 9 -7.29 20.03 8.69
N VAL D 10 -6.61 19.30 7.84
CA VAL D 10 -5.31 19.68 7.38
C VAL D 10 -5.50 20.19 5.98
N VAL D 11 -5.01 21.39 5.75
CA VAL D 11 -5.10 22.00 4.46
C VAL D 11 -3.72 22.31 4.01
N ASP D 12 -3.11 21.42 3.24
CA ASP D 12 -1.78 21.59 2.76
C ASP D 12 -1.60 20.89 1.42
N ASP D 13 -0.77 21.41 0.54
CA ASP D 13 -0.60 20.75 -0.72
C ASP D 13 0.46 19.67 -0.76
N ASP D 14 1.20 19.52 0.32
CA ASP D 14 2.24 18.54 0.45
C ASP D 14 1.58 17.27 0.94
N ALA D 15 1.28 16.39 0.01
CA ALA D 15 0.56 15.18 0.26
C ALA D 15 1.28 14.25 1.16
N SER D 16 2.57 14.14 0.98
CA SER D 16 3.31 13.26 1.80
C SER D 16 3.28 13.70 3.26
N LEU D 17 3.53 14.96 3.49
CA LEU D 17 3.48 15.53 4.80
C LEU D 17 2.09 15.45 5.43
N ALA D 18 1.08 15.69 4.64
CA ALA D 18 -0.30 15.63 5.09
C ALA D 18 -0.64 14.25 5.54
N GLU D 19 -0.05 13.27 4.88
CA GLU D 19 -0.17 11.88 5.21
C GLU D 19 0.47 11.58 6.53
N MET D 20 1.63 12.14 6.78
CA MET D 20 2.29 11.94 8.03
C MET D 20 1.47 12.49 9.18
N LEU D 21 0.88 13.65 8.95
CA LEU D 21 0.02 14.27 9.93
C LEU D 21 -1.20 13.43 10.18
N THR D 22 -1.73 12.83 9.14
CA THR D 22 -2.88 11.99 9.30
C THR D 22 -2.55 10.83 10.18
N ILE D 23 -1.44 10.18 9.90
CA ILE D 23 -1.03 9.06 10.68
C ILE D 23 -0.73 9.43 12.09
N VAL D 24 0.09 10.46 12.26
CA VAL D 24 0.47 10.92 13.56
C VAL D 24 -0.67 11.42 14.41
N LEU D 25 -1.54 12.23 13.86
CA LEU D 25 -2.72 12.71 14.56
C LEU D 25 -3.73 11.66 14.93
N ARG D 26 -3.96 10.70 14.06
CA ARG D 26 -4.80 9.57 14.33
C ARG D 26 -4.28 8.68 15.45
N GLY D 27 -2.97 8.54 15.52
CA GLY D 27 -2.28 7.83 16.55
C GLY D 27 -2.44 8.47 17.90
N GLU D 28 -2.72 9.76 17.87
CA GLU D 28 -2.91 10.55 19.05
C GLU D 28 -4.36 10.70 19.37
N GLY D 29 -5.22 9.93 18.73
CA GLY D 29 -6.64 9.96 19.01
C GLY D 29 -7.58 10.87 18.28
N PHE D 30 -7.15 11.44 17.18
CA PHE D 30 -7.91 12.41 16.46
C PHE D 30 -8.43 11.90 15.17
N ASP D 31 -9.55 12.42 14.73
CA ASP D 31 -10.03 12.21 13.38
C ASP D 31 -9.32 13.23 12.52
N THR D 32 -9.13 12.95 11.26
CA THR D 32 -8.47 13.89 10.41
C THR D 32 -9.03 13.89 9.01
N ALA D 33 -8.88 14.98 8.30
CA ALA D 33 -9.24 15.07 6.91
C ALA D 33 -8.22 15.95 6.22
N VAL D 34 -8.00 15.77 4.94
CA VAL D 34 -7.01 16.55 4.23
C VAL D 34 -7.55 17.18 2.97
N ILE D 35 -7.24 18.43 2.69
CA ILE D 35 -7.54 19.00 1.40
C ILE D 35 -6.36 19.75 0.95
N GLY D 36 -6.11 19.74 -0.34
CA GLY D 36 -4.95 20.39 -0.86
C GLY D 36 -5.13 21.72 -1.53
N ASP D 37 -6.36 22.19 -1.59
CA ASP D 37 -6.66 23.44 -2.24
C ASP D 37 -7.42 24.36 -1.32
N GLY D 38 -7.02 25.61 -1.29
CA GLY D 38 -7.56 26.62 -0.44
C GLY D 38 -9.00 26.87 -0.73
N THR D 39 -9.37 26.66 -1.97
CA THR D 39 -10.71 26.81 -2.44
C THR D 39 -11.72 25.82 -1.91
N GLN D 40 -11.28 24.68 -1.42
CA GLN D 40 -12.19 23.70 -0.89
C GLN D 40 -12.37 23.82 0.59
N ALA D 41 -11.65 24.74 1.17
CA ALA D 41 -11.67 24.90 2.60
C ALA D 41 -12.95 25.29 3.29
N LEU D 42 -13.69 26.23 2.72
CA LEU D 42 -14.95 26.64 3.32
C LEU D 42 -16.00 25.55 3.32
N THR D 43 -16.10 24.84 2.22
CA THR D 43 -16.99 23.72 2.13
C THR D 43 -16.59 22.61 3.05
N ALA D 44 -15.31 22.32 3.13
CA ALA D 44 -14.83 21.26 4.00
C ALA D 44 -15.12 21.56 5.43
N VAL D 45 -14.89 22.77 5.84
CA VAL D 45 -15.14 23.17 7.20
C VAL D 45 -16.61 23.09 7.57
N ARG D 46 -17.47 23.60 6.73
CA ARG D 46 -18.89 23.48 6.94
C ARG D 46 -19.39 22.07 6.88
N GLU D 47 -18.98 21.28 5.90
CA GLU D 47 -19.37 19.89 5.89
C GLU D 47 -18.78 19.05 7.03
N LEU D 48 -17.47 19.10 7.19
CA LEU D 48 -16.75 18.44 8.26
C LEU D 48 -16.89 18.94 9.66
N ARG D 49 -17.03 20.24 9.83
CA ARG D 49 -17.08 20.85 11.15
C ARG D 49 -15.93 20.50 12.11
N PRO D 50 -14.71 20.77 11.69
CA PRO D 50 -13.54 20.40 12.45
C PRO D 50 -13.31 21.21 13.70
N ASP D 51 -12.71 20.56 14.68
CA ASP D 51 -12.25 21.17 15.89
C ASP D 51 -11.06 22.12 15.74
N LEU D 52 -10.18 21.83 14.81
CA LEU D 52 -9.09 22.73 14.53
C LEU D 52 -8.71 22.57 13.09
N VAL D 53 -8.23 23.64 12.50
CA VAL D 53 -7.74 23.62 11.16
C VAL D 53 -6.27 23.95 11.18
N LEU D 54 -5.48 23.13 10.50
CA LEU D 54 -4.08 23.35 10.29
C LEU D 54 -3.97 23.85 8.89
N LEU D 55 -3.53 25.08 8.72
CA LEU D 55 -3.50 25.72 7.43
C LEU D 55 -2.14 26.16 6.90
N ASP D 56 -1.70 25.55 5.80
CA ASP D 56 -0.49 25.92 5.12
C ASP D 56 -0.64 27.31 4.57
N LEU D 57 0.37 28.13 4.76
CA LEU D 57 0.39 29.49 4.31
C LEU D 57 0.41 29.65 2.82
N MET D 58 1.25 28.89 2.16
CA MET D 58 1.36 28.95 0.73
C MET D 58 0.59 27.81 0.15
N LEU D 59 -0.47 28.12 -0.56
CA LEU D 59 -1.31 27.11 -1.11
C LEU D 59 -1.65 27.41 -2.53
N PRO D 60 -2.06 26.37 -3.23
CA PRO D 60 -2.67 26.45 -4.54
C PRO D 60 -4.06 26.99 -4.35
N GLY D 61 -4.62 27.57 -5.39
CA GLY D 61 -5.84 28.32 -5.31
C GLY D 61 -5.60 29.49 -4.40
N MET D 62 -6.51 29.66 -3.47
CA MET D 62 -6.40 30.69 -2.50
C MET D 62 -5.23 30.41 -1.56
N ASN D 63 -4.46 31.42 -1.23
CA ASN D 63 -3.36 31.30 -0.31
C ASN D 63 -3.87 31.18 1.10
N GLY D 64 -2.99 30.86 2.02
CA GLY D 64 -3.36 30.59 3.39
C GLY D 64 -3.99 31.73 4.14
N ILE D 65 -3.54 32.93 3.90
CA ILE D 65 -4.12 34.11 4.49
C ILE D 65 -5.55 34.37 4.06
N ASP D 66 -5.81 34.23 2.78
CA ASP D 66 -7.13 34.39 2.24
C ASP D 66 -8.07 33.35 2.77
N VAL D 67 -7.59 32.14 2.90
CA VAL D 67 -8.37 31.07 3.44
C VAL D 67 -8.75 31.35 4.87
N CYS D 68 -7.82 31.88 5.64
CA CYS D 68 -8.03 32.25 7.01
C CYS D 68 -9.06 33.34 7.15
N ARG D 69 -9.02 34.31 6.27
CA ARG D 69 -9.98 35.37 6.31
C ARG D 69 -11.34 34.80 6.10
N VAL D 70 -11.46 33.93 5.12
CA VAL D 70 -12.73 33.37 4.79
C VAL D 70 -13.29 32.56 5.92
N LEU D 71 -12.45 31.78 6.57
CA LEU D 71 -12.84 30.96 7.70
C LEU D 71 -13.28 31.67 8.97
N ARG D 72 -12.60 32.75 9.30
CA ARG D 72 -12.95 33.61 10.40
C ARG D 72 -14.30 34.25 10.17
N ALA D 73 -14.57 34.61 8.94
CA ALA D 73 -15.82 35.19 8.60
C ALA D 73 -16.90 34.20 8.89
N ASP D 74 -16.64 32.93 8.65
CA ASP D 74 -17.55 31.84 8.95
C ASP D 74 -17.75 31.45 10.41
N SER D 75 -16.67 31.29 11.15
CA SER D 75 -16.75 30.81 12.51
C SER D 75 -15.52 31.09 13.30
N GLY D 76 -15.56 30.63 14.53
CA GLY D 76 -14.52 30.83 15.50
C GLY D 76 -13.62 29.64 15.63
N VAL D 77 -13.59 28.81 14.61
CA VAL D 77 -12.77 27.65 14.62
C VAL D 77 -11.32 28.03 14.72
N PRO D 78 -10.62 27.29 15.56
CA PRO D 78 -9.19 27.47 15.79
C PRO D 78 -8.40 27.17 14.53
N ILE D 79 -7.49 28.06 14.19
CA ILE D 79 -6.67 27.95 13.03
C ILE D 79 -5.20 28.10 13.40
N VAL D 80 -4.37 27.15 12.97
CA VAL D 80 -2.95 27.21 13.19
C VAL D 80 -2.27 27.10 11.85
N MET D 81 -1.49 28.10 11.50
CA MET D 81 -0.77 28.14 10.26
C MET D 81 0.50 27.32 10.22
N LEU D 82 0.81 26.77 9.05
CA LEU D 82 2.00 26.02 8.84
C LEU D 82 2.83 26.86 7.95
N THR D 83 4.04 27.16 8.34
CA THR D 83 4.87 27.97 7.51
C THR D 83 6.31 27.57 7.51
N ALA D 84 6.93 27.66 6.36
CA ALA D 84 8.34 27.40 6.21
C ALA D 84 9.14 28.68 6.30
N LYS D 85 10.41 28.59 6.67
CA LYS D 85 11.22 29.77 6.81
C LYS D 85 11.34 30.48 5.48
N THR D 86 11.34 29.72 4.42
CA THR D 86 11.42 30.25 3.09
C THR D 86 10.22 31.08 2.67
N ASP D 87 9.07 30.85 3.27
CA ASP D 87 7.86 31.47 2.81
C ASP D 87 8.03 32.98 2.71
N THR D 88 7.66 33.54 1.59
CA THR D 88 7.67 34.97 1.43
C THR D 88 6.67 35.72 2.30
N VAL D 89 5.43 35.23 2.36
CA VAL D 89 4.40 35.90 3.12
C VAL D 89 4.67 35.87 4.60
N ASP D 90 4.33 36.95 5.29
CA ASP D 90 4.52 36.98 6.72
C ASP D 90 3.34 36.29 7.33
N VAL D 91 3.62 35.32 8.16
CA VAL D 91 2.62 34.55 8.83
C VAL D 91 1.84 35.43 9.78
N VAL D 92 2.47 36.50 10.21
CA VAL D 92 1.84 37.39 11.17
C VAL D 92 0.60 38.01 10.56
N LEU D 93 0.59 38.06 9.24
CA LEU D 93 -0.58 38.49 8.54
C LEU D 93 -1.69 37.52 8.86
N GLY D 94 -1.36 36.24 8.96
CA GLY D 94 -2.32 35.24 9.29
C GLY D 94 -2.92 35.34 10.66
N LEU D 95 -2.10 35.67 11.65
CA LEU D 95 -2.59 35.88 12.98
C LEU D 95 -3.51 37.09 13.01
N GLU D 96 -3.16 38.05 12.18
CA GLU D 96 -3.93 39.24 11.98
C GLU D 96 -5.23 39.01 11.26
N SER D 97 -5.28 37.97 10.46
CA SER D 97 -6.46 37.59 9.72
C SER D 97 -7.33 36.70 10.55
N GLY D 98 -6.91 36.44 11.76
CA GLY D 98 -7.64 35.60 12.66
C GLY D 98 -7.11 34.26 13.03
N ALA D 99 -5.93 33.89 12.55
CA ALA D 99 -5.34 32.63 12.96
C ALA D 99 -4.90 32.71 14.41
N ASP D 100 -5.01 31.61 15.12
CA ASP D 100 -4.69 31.59 16.53
C ASP D 100 -3.25 31.27 16.88
N ASP D 101 -2.52 30.69 15.96
CA ASP D 101 -1.17 30.30 16.18
C ASP D 101 -0.49 29.91 14.88
N TYR D 102 0.77 29.58 14.92
CA TYR D 102 1.46 29.13 13.76
C TYR D 102 2.55 28.24 14.22
N ILE D 103 3.03 27.36 13.35
CA ILE D 103 4.16 26.51 13.61
C ILE D 103 5.07 26.48 12.41
N MET D 104 6.37 26.41 12.62
CA MET D 104 7.31 26.33 11.53
C MET D 104 7.49 24.96 10.92
N LYS D 105 7.81 24.96 9.65
CA LYS D 105 7.98 23.76 8.87
C LYS D 105 9.42 23.65 8.51
N PRO D 106 10.00 22.47 8.57
CA PRO D 106 9.42 21.26 9.12
C PRO D 106 9.47 21.27 10.62
N PHE D 107 8.64 20.46 11.23
CA PHE D 107 8.44 20.51 12.63
C PHE D 107 8.58 19.14 13.20
N LYS D 108 8.69 19.05 14.50
CA LYS D 108 8.70 17.76 15.13
C LYS D 108 7.27 17.52 15.46
N PRO D 109 6.75 16.39 15.06
CA PRO D 109 5.36 16.08 15.21
C PRO D 109 4.93 16.06 16.65
N LYS D 110 5.82 15.73 17.54
CA LYS D 110 5.51 15.72 18.94
C LYS D 110 5.16 17.13 19.38
N GLU D 111 5.94 18.06 18.87
CA GLU D 111 5.76 19.46 19.09
C GLU D 111 4.46 19.94 18.48
N LEU D 112 4.13 19.46 17.30
CA LEU D 112 2.93 19.82 16.62
C LEU D 112 1.65 19.39 17.31
N VAL D 113 1.66 18.20 17.86
CA VAL D 113 0.52 17.68 18.55
C VAL D 113 0.22 18.48 19.77
N ALA D 114 1.27 18.92 20.44
CA ALA D 114 1.13 19.71 21.63
C ALA D 114 0.51 21.04 21.36
N ARG D 115 0.93 21.70 20.31
CA ARG D 115 0.40 22.97 19.94
C ARG D 115 -1.05 22.86 19.55
N VAL D 116 -1.41 21.77 18.91
CA VAL D 116 -2.77 21.54 18.53
C VAL D 116 -3.65 21.39 19.73
N ARG D 117 -3.21 20.62 20.71
CA ARG D 117 -3.95 20.43 21.92
C ARG D 117 -4.13 21.70 22.71
N ALA D 118 -3.14 22.56 22.63
CA ALA D 118 -3.16 23.85 23.29
C ALA D 118 -4.17 24.85 22.75
N ARG D 119 -4.33 24.87 21.44
CA ARG D 119 -5.18 25.83 20.81
C ARG D 119 -6.57 25.28 20.64
N LEU D 120 -6.76 24.06 21.06
CA LEU D 120 -8.00 23.35 20.91
C LEU D 120 -9.00 23.90 21.87
N ARG D 121 -8.54 24.33 23.02
CA ARG D 121 -9.47 24.85 23.99
C ARG D 121 -9.84 26.31 23.70
#